data_8FAV
#
_entry.id   8FAV
#
_cell.length_a   47.088
_cell.length_b   96.922
_cell.length_c   56.914
_cell.angle_alpha   90.00
_cell.angle_beta   91.26
_cell.angle_gamma   90.00
#
_symmetry.space_group_name_H-M   'P 1 21 1'
#
loop_
_entity.id
_entity.type
_entity.pdbx_description
1 polymer 'Nuclear receptor ROR-gamma'
2 non-polymer 3-cyano-N-(3-{[(3S)-4-(cyclopentanecarbonyl)-3-methylpiperazin-1-yl]methyl}-5-fluoro-2-methylphenyl)benzamide
3 non-polymer '4-{1-[2-chloro-6-(trifluoromethyl)benzoyl]-4-fluoro-1H-indazol-3-yl}-3-fluorobenzoic acid'
4 non-polymer 'SULFATE ION'
5 water water
#
_entity_poly.entity_id   1
_entity_poly.type   'polypeptide(L)'
_entity_poly.pdbx_seq_one_letter_code
;SMPTPEAPYASLTEIEHLVQSVSKSYRETCQLRLEDLLRQRSNIFSREEVTGYQRKSMWEMWERCAHHLTEAIQYVVEFA
KRLSGFMELSQNDQIVLLKAGAMEVVLVRMCRAYNADNRTVFFEGKYGGMELFRALGCSELISSIFDFSHSLSALHFSED
EIALYTALVLINAHRPGLQEKRKVEQLQYNLELAFHHHLCKTHRQSILAKLPPKGKLRSLCSQHVERLQIFQHLHPIVVQ
AAFPPLYKELFSTETESPVGLS
;
_entity_poly.pdbx_strand_id   A,B
#
# COMPACT_ATOMS: atom_id res chain seq x y z
N PRO A 5 8.10 -13.21 9.14
CA PRO A 5 8.17 -12.48 10.36
C PRO A 5 6.86 -11.76 10.76
N GLU A 6 6.73 -11.50 12.05
CA GLU A 6 5.52 -10.94 12.61
C GLU A 6 5.72 -9.47 12.97
N ALA A 7 6.93 -8.94 12.70
CA ALA A 7 7.35 -7.68 13.28
C ALA A 7 6.46 -6.52 12.83
N PRO A 8 6.20 -5.54 13.74
CA PRO A 8 5.50 -4.38 13.33
C PRO A 8 6.37 -3.45 12.48
N TYR A 9 5.74 -2.46 11.89
CA TYR A 9 6.43 -1.50 11.01
C TYR A 9 7.15 -2.21 9.87
N ALA A 10 6.47 -3.21 9.25
CA ALA A 10 7.03 -3.95 8.11
C ALA A 10 7.45 -2.99 7.03
N SER A 11 8.73 -3.00 6.68
CA SER A 11 9.28 -2.05 5.74
C SER A 11 8.83 -2.41 4.31
N LEU A 12 9.07 -1.48 3.41
CA LEU A 12 8.86 -1.72 1.98
C LEU A 12 9.73 -2.89 1.51
N THR A 13 10.96 -2.98 2.05
CA THR A 13 11.89 -4.14 1.77
C THR A 13 11.25 -5.46 2.19
N GLU A 14 10.79 -5.52 3.44
CA GLU A 14 10.14 -6.76 3.99
C GLU A 14 8.93 -7.15 3.17
N ILE A 15 8.10 -6.16 2.84
CA ILE A 15 6.86 -6.40 2.13
C ILE A 15 7.10 -6.94 0.71
N GLU A 16 8.01 -6.32 -0.02
CA GLU A 16 8.32 -6.77 -1.37
C GLU A 16 9.07 -8.12 -1.38
N HIS A 17 9.86 -8.38 -0.34
CA HIS A 17 10.49 -9.73 -0.19
C HIS A 17 9.48 -10.81 0.20
N LEU A 18 8.44 -10.42 0.95
CA LEU A 18 7.34 -11.33 1.28
C LEU A 18 6.56 -11.73 0.02
N VAL A 19 6.31 -10.74 -0.86
CA VAL A 19 5.67 -11.02 -2.17
C VAL A 19 6.52 -12.03 -3.01
N GLN A 20 7.82 -11.73 -3.16
CA GLN A 20 8.72 -12.58 -3.93
C GLN A 20 8.85 -13.99 -3.32
N SER A 21 8.97 -14.07 -1.99
CA SER A 21 9.14 -15.31 -1.31
C SER A 21 7.88 -16.21 -1.45
N VAL A 22 6.71 -15.62 -1.23
CA VAL A 22 5.44 -16.34 -1.34
C VAL A 22 5.20 -16.83 -2.80
N SER A 23 5.56 -15.98 -3.79
CA SER A 23 5.36 -16.32 -5.19
C SER A 23 6.28 -17.48 -5.61
N LYS A 24 7.53 -17.47 -5.12
CA LYS A 24 8.49 -18.58 -5.35
C LYS A 24 7.99 -19.88 -4.73
N SER A 25 7.53 -19.80 -3.48
CA SER A 25 7.01 -20.96 -2.78
C SER A 25 5.82 -21.56 -3.48
N TYR A 26 4.94 -20.68 -3.98
CA TYR A 26 3.80 -21.09 -4.78
C TYR A 26 4.25 -21.85 -6.09
N ARG A 27 5.08 -21.21 -6.88
CA ARG A 27 5.57 -21.79 -8.17
C ARG A 27 6.26 -23.16 -7.96
N GLU A 28 7.03 -23.28 -6.89
CA GLU A 28 7.80 -24.50 -6.63
C GLU A 28 6.99 -25.64 -5.92
N THR A 29 5.71 -25.36 -5.55
CA THR A 29 4.83 -26.37 -4.98
C THR A 29 3.56 -26.63 -5.88
N CYS A 30 3.62 -26.22 -7.18
CA CYS A 30 2.56 -26.58 -8.15
C CYS A 30 2.89 -27.91 -8.83
N GLN A 31 1.91 -28.78 -8.93
CA GLN A 31 2.09 -30.11 -9.56
C GLN A 31 2.56 -29.98 -11.00
N LEU A 32 1.95 -29.04 -11.74
CA LEU A 32 2.42 -28.68 -13.08
C LEU A 32 2.54 -27.19 -13.18
N ARG A 33 3.49 -26.72 -14.00
CA ARG A 33 3.63 -25.31 -14.29
C ARG A 33 2.41 -24.81 -15.05
N LEU A 34 2.00 -23.57 -14.79
CA LEU A 34 0.84 -22.96 -15.50
C LEU A 34 0.98 -23.09 -17.04
N GLU A 35 2.19 -22.84 -17.55
CA GLU A 35 2.48 -22.91 -19.02
C GLU A 35 2.19 -24.34 -19.61
N ASP A 36 2.39 -25.37 -18.80
CA ASP A 36 2.13 -26.75 -19.23
C ASP A 36 0.64 -27.07 -19.23
N LEU A 37 -0.10 -26.60 -18.20
CA LEU A 37 -1.58 -26.74 -18.17
C LEU A 37 -2.23 -26.03 -19.35
N LEU A 38 -1.75 -24.81 -19.66
CA LEU A 38 -2.28 -24.03 -20.80
C LEU A 38 -1.99 -24.71 -22.16
N ARG A 39 -0.77 -25.25 -22.30
CA ARG A 39 -0.33 -25.91 -23.54
C ARG A 39 -1.09 -27.28 -23.79
N GLN A 40 -1.60 -27.88 -22.71
CA GLN A 40 -2.36 -29.15 -22.79
C GLN A 40 -3.87 -28.94 -23.09
N ARG A 41 -4.33 -27.68 -23.16
CA ARG A 41 -5.81 -27.38 -23.39
C ARG A 41 -6.36 -28.03 -24.68
N SER A 42 -5.52 -28.18 -25.71
CA SER A 42 -5.93 -28.85 -26.97
C SER A 42 -5.99 -30.40 -26.84
N ASN A 43 -5.35 -30.93 -25.78
CA ASN A 43 -5.34 -32.36 -25.52
C ASN A 43 -6.58 -32.78 -24.70
N ILE A 44 -7.65 -33.16 -25.42
CA ILE A 44 -8.99 -33.36 -24.81
C ILE A 44 -9.41 -34.81 -24.97
N PHE A 45 -10.07 -35.36 -23.92
CA PHE A 45 -10.51 -36.76 -23.94
C PHE A 45 -11.54 -36.97 -25.04
N SER A 46 -11.33 -38.00 -25.85
CA SER A 46 -12.29 -38.38 -26.86
C SER A 46 -13.59 -38.87 -26.19
N ARG A 47 -14.66 -38.91 -26.95
CA ARG A 47 -15.96 -39.45 -26.46
C ARG A 47 -15.84 -40.96 -26.02
N GLU A 48 -14.93 -41.70 -26.68
CA GLU A 48 -14.61 -43.09 -26.30
C GLU A 48 -13.92 -43.17 -24.93
N GLU A 49 -12.94 -42.28 -24.71
CA GLU A 49 -12.21 -42.23 -23.40
C GLU A 49 -13.15 -41.77 -22.25
N VAL A 50 -14.05 -40.80 -22.55
CA VAL A 50 -15.05 -40.34 -21.57
C VAL A 50 -15.98 -41.51 -21.16
N THR A 51 -16.47 -42.26 -22.15
CA THR A 51 -17.30 -43.44 -21.89
C THR A 51 -16.55 -44.51 -21.04
N GLY A 52 -15.24 -44.67 -21.31
CA GLY A 52 -14.38 -45.58 -20.49
C GLY A 52 -14.33 -45.19 -19.00
N TYR A 53 -14.20 -43.88 -18.74
CA TYR A 53 -14.27 -43.33 -17.34
C TYR A 53 -15.64 -43.54 -16.74
N GLN A 54 -16.68 -43.23 -17.51
CA GLN A 54 -18.09 -43.37 -17.02
C GLN A 54 -18.47 -44.85 -16.69
N ARG A 55 -17.80 -45.82 -17.36
CA ARG A 55 -18.06 -47.26 -17.11
C ARG A 55 -17.18 -47.84 -15.96
N LYS A 56 -16.23 -47.03 -15.43
CA LYS A 56 -15.49 -47.40 -14.19
C LYS A 56 -16.44 -47.44 -13.02
N SER A 57 -16.11 -48.27 -12.02
CA SER A 57 -16.89 -48.34 -10.80
C SER A 57 -16.76 -47.06 -10.00
N MET A 58 -17.77 -46.79 -9.16
CA MET A 58 -17.72 -45.70 -8.21
C MET A 58 -16.42 -45.75 -7.40
N TRP A 59 -16.02 -46.96 -6.97
CA TRP A 59 -14.83 -47.11 -6.08
C TRP A 59 -13.51 -46.87 -6.82
N GLU A 60 -13.45 -47.21 -8.13
CA GLU A 60 -12.23 -46.96 -8.93
C GLU A 60 -12.04 -45.44 -9.17
N MET A 61 -13.13 -44.76 -9.51
CA MET A 61 -13.10 -43.30 -9.66
C MET A 61 -12.81 -42.60 -8.34
N TRP A 62 -13.38 -43.13 -7.24
CA TRP A 62 -13.07 -42.60 -5.89
C TRP A 62 -11.58 -42.71 -5.60
N GLU A 63 -11.00 -43.88 -5.86
CA GLU A 63 -9.55 -44.11 -5.64
C GLU A 63 -8.67 -43.13 -6.48
N ARG A 64 -9.04 -42.92 -7.75
CA ARG A 64 -8.27 -42.03 -8.65
C ARG A 64 -8.33 -40.58 -8.19
N CYS A 65 -9.55 -40.13 -7.82
CA CYS A 65 -9.75 -38.76 -7.36
C CYS A 65 -9.09 -38.51 -6.02
N ALA A 66 -9.25 -39.46 -5.11
CA ALA A 66 -8.67 -39.36 -3.77
C ALA A 66 -7.15 -39.29 -3.81
N HIS A 67 -6.55 -40.10 -4.69
CA HIS A 67 -5.10 -40.11 -4.92
C HIS A 67 -4.61 -38.70 -5.35
N HIS A 68 -5.25 -38.13 -6.36
CA HIS A 68 -4.90 -36.78 -6.84
C HIS A 68 -5.07 -35.75 -5.73
N LEU A 69 -6.16 -35.86 -4.98
CA LEU A 69 -6.44 -34.88 -3.90
C LEU A 69 -5.44 -34.98 -2.78
N THR A 70 -5.02 -36.21 -2.45
CA THR A 70 -3.97 -36.44 -1.42
C THR A 70 -2.67 -35.73 -1.82
N GLU A 71 -2.29 -35.88 -3.10
CA GLU A 71 -1.09 -35.23 -3.64
C GLU A 71 -1.24 -33.69 -3.64
N ALA A 72 -2.41 -33.22 -4.07
CA ALA A 72 -2.69 -31.78 -4.07
C ALA A 72 -2.55 -31.18 -2.64
N ILE A 73 -3.13 -31.88 -1.64
CA ILE A 73 -3.00 -31.46 -0.23
C ILE A 73 -1.55 -31.42 0.21
N GLN A 74 -0.81 -32.47 -0.13
CA GLN A 74 0.59 -32.56 0.27
C GLN A 74 1.43 -31.37 -0.27
N TYR A 75 1.16 -30.97 -1.52
CA TYR A 75 1.83 -29.79 -2.09
C TYR A 75 1.46 -28.52 -1.34
N VAL A 76 0.19 -28.39 -0.95
CA VAL A 76 -0.25 -27.22 -0.21
C VAL A 76 0.44 -27.15 1.18
N VAL A 77 0.61 -28.31 1.83
CA VAL A 77 1.30 -28.38 3.09
C VAL A 77 2.79 -27.93 2.93
N GLU A 78 3.45 -28.38 1.82
CA GLU A 78 4.84 -27.87 1.46
C GLU A 78 4.83 -26.36 1.31
N PHE A 79 3.85 -25.85 0.59
CA PHE A 79 3.67 -24.40 0.40
C PHE A 79 3.53 -23.67 1.75
N ALA A 80 2.68 -24.20 2.62
CA ALA A 80 2.42 -23.60 3.96
C ALA A 80 3.70 -23.53 4.78
N LYS A 81 4.48 -24.61 4.77
CA LYS A 81 5.71 -24.68 5.57
C LYS A 81 6.79 -23.73 5.08
N ARG A 82 6.72 -23.32 3.80
CA ARG A 82 7.64 -22.29 3.25
C ARG A 82 7.23 -20.83 3.61
N LEU A 83 6.00 -20.65 4.12
CA LEU A 83 5.51 -19.29 4.45
C LEU A 83 6.16 -18.80 5.69
N SER A 84 6.60 -17.55 5.67
CA SER A 84 7.46 -17.02 6.73
C SER A 84 6.69 -16.95 8.06
N GLY A 85 7.24 -17.57 9.09
CA GLY A 85 6.61 -17.62 10.38
C GLY A 85 5.86 -18.95 10.64
N PHE A 86 5.39 -19.63 9.56
CA PHE A 86 4.53 -20.82 9.73
C PHE A 86 5.22 -21.95 10.58
N MET A 87 6.45 -22.29 10.23
CA MET A 87 7.17 -23.38 10.95
C MET A 87 7.64 -22.94 12.40
N GLU A 88 7.63 -21.63 12.68
CA GLU A 88 7.90 -21.11 14.03
C GLU A 88 6.62 -21.18 14.95
N LEU A 89 5.44 -21.41 14.34
CA LEU A 89 4.19 -21.68 15.11
C LEU A 89 4.23 -23.05 15.77
N SER A 90 3.44 -23.22 16.81
CA SER A 90 3.31 -24.53 17.50
C SER A 90 2.72 -25.56 16.57
N GLN A 91 2.98 -26.84 16.83
CA GLN A 91 2.41 -27.92 15.96
C GLN A 91 0.91 -27.88 15.97
N ASN A 92 0.31 -27.63 17.17
CA ASN A 92 -1.16 -27.41 17.27
C ASN A 92 -1.63 -26.38 16.26
N ASP A 93 -0.99 -25.21 16.26
CA ASP A 93 -1.42 -24.08 15.41
C ASP A 93 -1.20 -24.34 13.93
N GLN A 94 -0.07 -24.99 13.59
CA GLN A 94 0.18 -25.44 12.21
C GLN A 94 -0.97 -26.37 11.72
N ILE A 95 -1.36 -27.32 12.57
CA ILE A 95 -2.42 -28.28 12.23
C ILE A 95 -3.79 -27.60 12.16
N VAL A 96 -4.07 -26.66 13.08
CA VAL A 96 -5.36 -25.88 13.05
C VAL A 96 -5.51 -25.12 11.70
N LEU A 97 -4.43 -24.46 11.27
CA LEU A 97 -4.44 -23.70 10.00
C LEU A 97 -4.57 -24.64 8.76
N LEU A 98 -3.88 -25.78 8.80
CA LEU A 98 -3.91 -26.73 7.65
C LEU A 98 -5.20 -27.52 7.56
N LYS A 99 -5.76 -27.92 8.70
CA LYS A 99 -6.99 -28.74 8.71
C LYS A 99 -8.14 -27.99 8.01
N ALA A 100 -8.25 -26.68 8.28
CA ALA A 100 -9.26 -25.84 7.65
C ALA A 100 -8.83 -25.46 6.24
N GLY A 101 -7.62 -24.91 6.15
CA GLY A 101 -7.21 -24.14 4.98
C GLY A 101 -6.63 -24.91 3.82
N ALA A 102 -6.08 -26.10 4.08
CA ALA A 102 -5.32 -26.85 3.01
C ALA A 102 -6.22 -27.20 1.84
N MET A 103 -7.44 -27.73 2.13
CA MET A 103 -8.39 -28.07 1.04
C MET A 103 -8.99 -26.81 0.38
N GLU A 104 -9.14 -25.72 1.17
CA GLU A 104 -9.56 -24.40 0.59
C GLU A 104 -8.53 -23.92 -0.46
N VAL A 105 -7.26 -24.09 -0.15
CA VAL A 105 -6.19 -23.73 -1.11
C VAL A 105 -6.20 -24.66 -2.34
N VAL A 106 -6.36 -25.98 -2.11
CA VAL A 106 -6.50 -26.94 -3.23
C VAL A 106 -7.63 -26.52 -4.18
N LEU A 107 -8.77 -26.09 -3.60
CA LEU A 107 -9.91 -25.66 -4.39
C LEU A 107 -9.61 -24.37 -5.21
N VAL A 108 -8.84 -23.46 -4.63
CA VAL A 108 -8.45 -22.24 -5.34
C VAL A 108 -7.47 -22.60 -6.48
N ARG A 109 -6.50 -23.44 -6.17
CA ARG A 109 -5.48 -23.89 -7.17
C ARG A 109 -6.09 -24.60 -8.37
N MET A 110 -7.25 -25.26 -8.16
CA MET A 110 -7.93 -26.00 -9.23
C MET A 110 -8.23 -25.11 -10.43
N CYS A 111 -8.43 -23.78 -10.19
CA CYS A 111 -8.77 -22.83 -11.31
C CYS A 111 -7.68 -22.75 -12.43
N ARG A 112 -6.42 -23.03 -12.07
N ARG A 112 -6.41 -23.02 -12.06
CA ARG A 112 -5.31 -23.11 -13.09
CA ARG A 112 -5.30 -23.09 -13.06
C ARG A 112 -5.56 -24.23 -14.10
C ARG A 112 -5.52 -24.24 -14.08
N ALA A 113 -6.16 -25.34 -13.61
CA ALA A 113 -6.44 -26.53 -14.45
C ALA A 113 -7.89 -26.50 -15.08
N TYR A 114 -8.59 -25.35 -14.93
CA TYR A 114 -9.91 -25.19 -15.46
C TYR A 114 -9.86 -24.31 -16.75
N ASN A 115 -10.42 -24.84 -17.83
CA ASN A 115 -10.55 -24.10 -19.11
C ASN A 115 -11.98 -23.60 -19.27
N ALA A 116 -12.17 -22.30 -19.11
CA ALA A 116 -13.53 -21.69 -19.14
C ALA A 116 -14.17 -21.68 -20.56
N ASP A 117 -13.31 -21.74 -21.60
CA ASP A 117 -13.82 -21.74 -23.04
C ASP A 117 -14.77 -22.88 -23.31
N ASN A 118 -14.39 -24.09 -22.86
CA ASN A 118 -15.20 -25.32 -23.12
C ASN A 118 -15.63 -26.07 -21.82
N ARG A 119 -15.43 -25.42 -20.65
CA ARG A 119 -15.81 -26.01 -19.34
C ARG A 119 -15.20 -27.42 -19.12
N THR A 120 -13.92 -27.55 -19.40
CA THR A 120 -13.20 -28.79 -19.12
C THR A 120 -12.15 -28.56 -18.05
N VAL A 121 -11.70 -29.66 -17.45
CA VAL A 121 -10.64 -29.63 -16.45
C VAL A 121 -9.59 -30.66 -16.79
N PHE A 122 -8.37 -30.39 -16.38
CA PHE A 122 -7.26 -31.33 -16.56
C PHE A 122 -7.37 -32.46 -15.54
N PHE A 123 -7.34 -33.69 -16.02
CA PHE A 123 -7.45 -34.88 -15.17
C PHE A 123 -6.74 -36.06 -15.83
N GLU A 124 -5.71 -36.56 -15.16
CA GLU A 124 -4.91 -37.72 -15.65
C GLU A 124 -4.43 -37.57 -17.15
N GLY A 125 -3.85 -36.42 -17.47
CA GLY A 125 -3.13 -36.22 -18.74
C GLY A 125 -3.90 -35.48 -19.85
N LYS A 126 -5.25 -35.35 -19.70
CA LYS A 126 -6.09 -34.62 -20.72
C LYS A 126 -7.17 -33.81 -20.06
N TYR A 127 -7.85 -32.99 -20.86
CA TYR A 127 -8.98 -32.20 -20.40
C TYR A 127 -10.28 -32.93 -20.66
N GLY A 128 -11.21 -32.84 -19.70
CA GLY A 128 -12.56 -33.41 -19.85
C GLY A 128 -13.60 -32.65 -19.07
N GLY A 129 -14.85 -32.77 -19.48
CA GLY A 129 -15.97 -32.13 -18.79
C GLY A 129 -16.36 -32.85 -17.52
N MET A 130 -17.35 -32.33 -16.82
CA MET A 130 -17.78 -32.91 -15.55
C MET A 130 -18.46 -34.30 -15.73
N GLU A 131 -18.95 -34.57 -16.96
CA GLU A 131 -19.49 -35.92 -17.32
C GLU A 131 -18.42 -37.05 -17.19
N LEU A 132 -17.12 -36.66 -17.23
CA LEU A 132 -16.00 -37.59 -16.95
C LEU A 132 -16.12 -38.28 -15.53
N PHE A 133 -16.74 -37.56 -14.57
CA PHE A 133 -16.81 -38.02 -13.15
C PHE A 133 -18.21 -38.57 -12.78
N ARG A 134 -18.98 -39.01 -13.78
CA ARG A 134 -20.38 -39.46 -13.56
C ARG A 134 -20.48 -40.66 -12.56
N ALA A 135 -19.51 -41.59 -12.62
CA ALA A 135 -19.52 -42.81 -11.75
C ALA A 135 -19.49 -42.49 -10.23
N LEU A 136 -18.96 -41.31 -9.87
CA LEU A 136 -18.91 -40.87 -8.46
C LEU A 136 -20.32 -40.53 -7.87
N GLY A 137 -21.27 -40.18 -8.73
CA GLY A 137 -22.61 -39.76 -8.28
C GLY A 137 -22.58 -38.51 -7.36
N CYS A 138 -21.66 -37.55 -7.68
CA CYS A 138 -21.56 -36.26 -6.96
C CYS A 138 -21.75 -35.12 -7.91
N SER A 139 -22.85 -35.17 -8.67
CA SER A 139 -23.06 -34.21 -9.77
C SER A 139 -23.19 -32.76 -9.25
N GLU A 140 -23.95 -32.57 -8.16
CA GLU A 140 -24.16 -31.23 -7.59
C GLU A 140 -22.85 -30.64 -6.98
N LEU A 141 -22.11 -31.47 -6.25
CA LEU A 141 -20.82 -31.03 -5.66
C LEU A 141 -19.78 -30.69 -6.75
N ILE A 142 -19.64 -31.56 -7.71
CA ILE A 142 -18.67 -31.35 -8.79
C ILE A 142 -19.08 -30.14 -9.64
N SER A 143 -20.40 -29.97 -9.86
CA SER A 143 -20.92 -28.78 -10.53
C SER A 143 -20.54 -27.46 -9.75
N SER A 144 -20.62 -27.50 -8.41
CA SER A 144 -20.22 -26.31 -7.58
C SER A 144 -18.72 -26.04 -7.66
N ILE A 145 -17.92 -27.11 -7.79
CA ILE A 145 -16.43 -26.96 -7.93
C ILE A 145 -16.07 -26.37 -9.27
N PHE A 146 -16.71 -26.86 -10.34
CA PHE A 146 -16.56 -26.25 -11.70
C PHE A 146 -16.98 -24.79 -11.71
N ASP A 147 -18.15 -24.47 -11.11
CA ASP A 147 -18.66 -23.07 -11.03
C ASP A 147 -17.66 -22.14 -10.31
N PHE A 148 -17.11 -22.62 -9.19
CA PHE A 148 -16.18 -21.88 -8.39
C PHE A 148 -14.89 -21.62 -9.15
N SER A 149 -14.37 -22.66 -9.82
CA SER A 149 -13.19 -22.50 -10.68
C SER A 149 -13.45 -21.54 -11.83
N HIS A 150 -14.68 -21.57 -12.38
CA HIS A 150 -15.07 -20.64 -13.46
C HIS A 150 -15.04 -19.18 -12.97
N SER A 151 -15.53 -18.95 -11.72
CA SER A 151 -15.55 -17.59 -11.14
C SER A 151 -14.13 -17.06 -10.87
N LEU A 152 -13.23 -17.97 -10.43
CA LEU A 152 -11.84 -17.60 -10.20
C LEU A 152 -11.07 -17.36 -11.52
N SER A 153 -11.33 -18.19 -12.53
CA SER A 153 -10.71 -18.03 -13.90
C SER A 153 -11.01 -16.68 -14.51
N ALA A 154 -12.21 -16.13 -14.22
CA ALA A 154 -12.63 -14.80 -14.73
C ALA A 154 -11.74 -13.63 -14.18
N LEU A 155 -11.10 -13.84 -13.00
CA LEU A 155 -10.20 -12.84 -12.42
C LEU A 155 -8.85 -12.72 -13.19
N HIS A 156 -8.46 -13.80 -13.91
CA HIS A 156 -7.12 -13.87 -14.63
C HIS A 156 -5.94 -13.58 -13.70
N PHE A 157 -5.90 -14.30 -12.55
CA PHE A 157 -4.81 -14.18 -11.59
C PHE A 157 -3.47 -14.28 -12.27
N SER A 158 -2.55 -13.37 -11.90
CA SER A 158 -1.14 -13.61 -12.10
C SER A 158 -0.66 -14.67 -11.09
N GLU A 159 0.53 -15.22 -11.32
CA GLU A 159 1.13 -16.15 -10.40
C GLU A 159 1.36 -15.51 -8.98
N ASP A 160 1.81 -14.22 -8.96
CA ASP A 160 1.98 -13.45 -7.71
C ASP A 160 0.64 -13.32 -6.97
N GLU A 161 -0.41 -13.03 -7.73
CA GLU A 161 -1.75 -12.76 -7.13
C GLU A 161 -2.35 -14.03 -6.48
N ILE A 162 -2.31 -15.15 -7.22
CA ILE A 162 -2.86 -16.42 -6.69
C ILE A 162 -2.01 -16.96 -5.49
N ALA A 163 -0.68 -16.72 -5.55
CA ALA A 163 0.23 -17.07 -4.43
C ALA A 163 -0.14 -16.33 -3.18
N LEU A 164 -0.31 -15.01 -3.28
CA LEU A 164 -0.65 -14.16 -2.07
C LEU A 164 -2.08 -14.47 -1.57
N TYR A 165 -3.00 -14.62 -2.49
CA TYR A 165 -4.37 -14.98 -2.15
C TYR A 165 -4.44 -16.32 -1.38
N THR A 166 -3.68 -17.33 -1.85
CA THR A 166 -3.72 -18.66 -1.18
C THR A 166 -2.93 -18.65 0.15
N ALA A 167 -1.87 -17.82 0.21
CA ALA A 167 -1.16 -17.58 1.50
C ALA A 167 -2.14 -17.00 2.56
N LEU A 168 -2.99 -16.08 2.13
CA LEU A 168 -3.99 -15.48 3.06
C LEU A 168 -5.17 -16.45 3.40
N VAL A 169 -5.46 -17.40 2.48
CA VAL A 169 -6.42 -18.48 2.81
C VAL A 169 -5.87 -19.34 4.03
N LEU A 170 -4.55 -19.60 4.02
CA LEU A 170 -3.89 -20.41 5.10
C LEU A 170 -3.61 -19.59 6.40
N ILE A 171 -3.00 -18.41 6.25
CA ILE A 171 -2.55 -17.59 7.40
C ILE A 171 -3.70 -16.69 7.84
N ASN A 172 -4.64 -17.30 8.54
CA ASN A 172 -5.87 -16.66 8.94
C ASN A 172 -6.06 -16.84 10.43
N ALA A 173 -6.10 -15.74 11.15
CA ALA A 173 -6.06 -15.76 12.65
C ALA A 173 -7.43 -16.09 13.28
N HIS A 174 -8.47 -16.24 12.44
CA HIS A 174 -9.83 -16.53 12.96
C HIS A 174 -10.21 -18.04 12.97
N ARG A 175 -9.25 -18.94 12.64
CA ARG A 175 -9.48 -20.39 12.76
C ARG A 175 -9.62 -20.73 14.25
N PRO A 176 -10.76 -21.40 14.64
CA PRO A 176 -10.92 -21.83 16.04
C PRO A 176 -9.81 -22.82 16.47
N GLY A 177 -9.31 -22.65 17.69
CA GLY A 177 -8.34 -23.60 18.29
C GLY A 177 -6.89 -23.12 18.26
N LEU A 178 -6.65 -21.92 17.68
CA LEU A 178 -5.31 -21.31 17.73
C LEU A 178 -4.98 -20.91 19.18
N GLN A 179 -3.81 -21.34 19.64
CA GLN A 179 -3.31 -20.94 21.00
C GLN A 179 -2.45 -19.66 20.95
N GLU A 180 -1.79 -19.41 19.79
CA GLU A 180 -1.07 -18.11 19.55
C GLU A 180 -1.80 -17.27 18.50
N LYS A 181 -3.02 -16.82 18.85
CA LYS A 181 -3.84 -16.06 17.91
C LYS A 181 -3.15 -14.71 17.52
N ARG A 182 -2.59 -14.00 18.52
CA ARG A 182 -1.93 -12.65 18.27
C ARG A 182 -0.78 -12.78 17.25
N LYS A 183 0.02 -13.84 17.40
CA LYS A 183 1.13 -14.08 16.48
C LYS A 183 0.64 -14.28 15.02
N VAL A 184 -0.44 -15.06 14.84
CA VAL A 184 -1.01 -15.31 13.49
C VAL A 184 -1.65 -14.03 12.92
N GLU A 185 -2.28 -13.22 13.80
CA GLU A 185 -2.80 -11.89 13.40
C GLU A 185 -1.70 -11.01 12.83
N GLN A 186 -0.53 -11.05 13.45
CA GLN A 186 0.61 -10.22 13.00
C GLN A 186 1.17 -10.72 11.66
N LEU A 187 1.24 -12.05 11.49
CA LEU A 187 1.63 -12.66 10.19
C LEU A 187 0.63 -12.31 9.07
N GLN A 188 -0.65 -12.45 9.39
CA GLN A 188 -1.75 -12.15 8.46
C GLN A 188 -1.74 -10.68 8.06
N TYR A 189 -1.58 -9.80 9.05
CA TYR A 189 -1.48 -8.34 8.82
C TYR A 189 -0.41 -8.02 7.79
N ASN A 190 0.77 -8.57 7.97
CA ASN A 190 1.88 -8.33 7.03
C ASN A 190 1.61 -8.91 5.61
N LEU A 191 0.95 -10.08 5.55
CA LEU A 191 0.56 -10.66 4.22
C LEU A 191 -0.47 -9.82 3.54
N GLU A 192 -1.43 -9.27 4.32
CA GLU A 192 -2.46 -8.37 3.75
C GLU A 192 -1.85 -7.11 3.23
N LEU A 193 -0.91 -6.55 4.01
CA LEU A 193 -0.15 -5.36 3.58
C LEU A 193 0.63 -5.63 2.27
N ALA A 194 1.25 -6.83 2.18
CA ALA A 194 1.96 -7.24 0.94
C ALA A 194 1.02 -7.41 -0.26
N PHE A 195 -0.10 -8.08 -0.03
CA PHE A 195 -1.11 -8.30 -1.07
C PHE A 195 -1.64 -6.97 -1.60
N HIS A 196 -2.03 -6.08 -0.67
CA HIS A 196 -2.56 -4.76 -1.05
C HIS A 196 -1.49 -3.88 -1.76
N HIS A 197 -0.27 -3.93 -1.26
CA HIS A 197 0.86 -3.21 -1.88
C HIS A 197 1.09 -3.67 -3.30
N HIS A 198 1.15 -4.99 -3.50
CA HIS A 198 1.38 -5.57 -4.81
C HIS A 198 0.26 -5.21 -5.77
N LEU A 199 -1.00 -5.36 -5.34
CA LEU A 199 -2.14 -5.02 -6.19
C LEU A 199 -2.13 -3.53 -6.58
N CYS A 200 -1.83 -2.66 -5.62
CA CYS A 200 -1.75 -1.18 -5.90
C CYS A 200 -0.62 -0.86 -6.87
N LYS A 201 0.55 -1.46 -6.63
CA LYS A 201 1.72 -1.26 -7.46
C LYS A 201 1.48 -1.68 -8.95
N THR A 202 0.72 -2.77 -9.15
CA THR A 202 0.50 -3.34 -10.48
C THR A 202 -0.84 -2.91 -11.11
N HIS A 203 -1.54 -1.96 -10.44
CA HIS A 203 -2.83 -1.44 -10.93
C HIS A 203 -3.86 -2.58 -11.15
N ARG A 204 -3.94 -3.48 -10.14
CA ARG A 204 -4.82 -4.62 -10.15
C ARG A 204 -5.73 -4.64 -8.93
N GLN A 205 -5.93 -3.47 -8.28
CA GLN A 205 -6.82 -3.39 -7.09
C GLN A 205 -8.28 -3.73 -7.42
N SER A 206 -8.66 -3.63 -8.73
CA SER A 206 -10.03 -3.99 -9.19
C SER A 206 -10.44 -5.46 -8.86
N ILE A 207 -9.44 -6.36 -8.70
CA ILE A 207 -9.75 -7.77 -8.38
C ILE A 207 -10.30 -7.97 -6.92
N LEU A 208 -10.01 -7.01 -6.01
CA LEU A 208 -10.41 -7.13 -4.58
C LEU A 208 -11.93 -7.29 -4.43
N ALA A 209 -12.69 -6.45 -5.14
CA ALA A 209 -14.18 -6.49 -5.10
C ALA A 209 -14.75 -7.74 -5.81
N LYS A 210 -13.94 -8.39 -6.68
CA LYS A 210 -14.37 -9.57 -7.45
C LYS A 210 -13.97 -10.92 -6.80
N LEU A 211 -13.18 -10.88 -5.69
CA LEU A 211 -12.81 -12.12 -4.98
C LEU A 211 -14.07 -12.79 -4.39
N PRO A 212 -14.02 -14.15 -4.20
CA PRO A 212 -15.14 -14.92 -3.65
C PRO A 212 -15.65 -14.34 -2.34
N PRO A 213 -17.02 -14.22 -2.20
CA PRO A 213 -17.58 -13.60 -0.98
C PRO A 213 -17.11 -14.28 0.32
N LYS A 214 -17.09 -13.51 1.41
CA LYS A 214 -16.68 -14.03 2.74
C LYS A 214 -17.55 -15.24 3.15
N GLY A 215 -16.91 -16.41 3.31
CA GLY A 215 -17.63 -17.66 3.73
C GLY A 215 -17.96 -18.64 2.60
N LYS A 216 -17.89 -18.17 1.33
CA LYS A 216 -18.23 -19.03 0.17
C LYS A 216 -17.21 -20.16 0.01
N LEU A 217 -15.93 -19.80 0.08
CA LEU A 217 -14.84 -20.79 -0.04
C LEU A 217 -14.87 -21.75 1.14
N ARG A 218 -15.07 -21.22 2.35
CA ARG A 218 -15.21 -22.05 3.57
C ARG A 218 -16.39 -23.07 3.45
N SER A 219 -17.54 -22.59 2.94
CA SER A 219 -18.73 -23.44 2.75
C SER A 219 -18.51 -24.54 1.72
N LEU A 220 -17.92 -24.16 0.58
CA LEU A 220 -17.62 -25.13 -0.48
C LEU A 220 -16.66 -26.20 0.04
N CYS A 221 -15.64 -25.76 0.74
CA CYS A 221 -14.64 -26.67 1.33
C CYS A 221 -15.29 -27.64 2.34
N SER A 222 -16.20 -27.11 3.17
CA SER A 222 -16.94 -27.92 4.13
C SER A 222 -17.79 -29.04 3.43
N GLN A 223 -18.52 -28.66 2.39
CA GLN A 223 -19.32 -29.64 1.60
C GLN A 223 -18.41 -30.68 0.92
N HIS A 224 -17.28 -30.22 0.42
CA HIS A 224 -16.33 -31.09 -0.25
C HIS A 224 -15.71 -32.12 0.72
N VAL A 225 -15.18 -31.65 1.85
CA VAL A 225 -14.50 -32.49 2.78
C VAL A 225 -15.50 -33.48 3.44
N GLU A 226 -16.75 -33.01 3.71
CA GLU A 226 -17.79 -33.89 4.22
C GLU A 226 -17.99 -35.12 3.26
N ARG A 227 -18.05 -34.85 1.97
CA ARG A 227 -18.24 -35.89 0.98
C ARG A 227 -17.04 -36.81 0.91
N LEU A 228 -15.84 -36.23 0.99
CA LEU A 228 -14.60 -37.04 0.97
C LEU A 228 -14.50 -37.94 2.19
N GLN A 229 -14.96 -37.44 3.34
CA GLN A 229 -14.96 -38.20 4.59
C GLN A 229 -15.93 -39.37 4.54
N ILE A 230 -17.12 -39.14 3.94
CA ILE A 230 -18.09 -40.22 3.76
C ILE A 230 -17.50 -41.33 2.83
N PHE A 231 -16.93 -40.91 1.69
CA PHE A 231 -16.26 -41.87 0.76
C PHE A 231 -15.13 -42.65 1.47
N GLN A 232 -14.36 -41.95 2.28
CA GLN A 232 -13.23 -42.57 3.02
C GLN A 232 -13.73 -43.61 4.05
N HIS A 233 -14.84 -43.29 4.72
CA HIS A 233 -15.43 -44.20 5.74
C HIS A 233 -15.98 -45.49 5.08
N LEU A 234 -16.52 -45.35 3.86
CA LEU A 234 -17.15 -46.48 3.15
C LEU A 234 -16.16 -47.30 2.30
N HIS A 235 -15.09 -46.66 1.84
CA HIS A 235 -14.06 -47.30 1.03
C HIS A 235 -12.71 -46.59 1.27
N PRO A 236 -12.07 -46.86 2.43
CA PRO A 236 -10.87 -46.10 2.80
C PRO A 236 -9.70 -46.28 1.84
N ILE A 237 -9.14 -45.16 1.38
CA ILE A 237 -7.88 -45.15 0.67
C ILE A 237 -6.77 -45.34 1.65
N VAL A 238 -5.73 -46.10 1.24
CA VAL A 238 -4.54 -46.31 2.07
C VAL A 238 -3.48 -45.30 1.68
N VAL A 239 -3.27 -44.31 2.57
CA VAL A 239 -2.32 -43.21 2.35
C VAL A 239 -1.07 -43.46 3.20
N GLN A 240 0.10 -43.39 2.56
CA GLN A 240 1.35 -43.26 3.30
C GLN A 240 1.48 -41.78 3.75
N ALA A 241 1.09 -41.50 4.99
CA ALA A 241 1.05 -40.08 5.51
C ALA A 241 2.44 -39.40 5.46
N ALA A 242 2.54 -38.31 4.68
CA ALA A 242 3.77 -37.45 4.69
C ALA A 242 3.85 -36.58 5.98
N PHE A 243 2.67 -36.32 6.62
CA PHE A 243 2.56 -35.43 7.77
C PHE A 243 1.67 -36.12 8.86
N PRO A 244 2.24 -37.12 9.58
CA PRO A 244 1.42 -38.02 10.43
C PRO A 244 0.47 -37.31 11.47
N PRO A 245 0.95 -36.20 12.13
CA PRO A 245 0.05 -35.48 13.09
C PRO A 245 -1.17 -34.84 12.41
N LEU A 246 -0.97 -34.33 11.19
CA LEU A 246 -2.06 -33.75 10.41
C LEU A 246 -2.99 -34.84 9.90
N TYR A 247 -2.41 -35.88 9.30
CA TYR A 247 -3.14 -37.04 8.86
C TYR A 247 -4.10 -37.59 9.97
N LYS A 248 -3.57 -37.72 11.19
CA LYS A 248 -4.36 -38.25 12.35
C LYS A 248 -5.62 -37.36 12.64
N GLU A 249 -5.47 -36.05 12.51
CA GLU A 249 -6.63 -35.13 12.69
C GLU A 249 -7.75 -35.32 11.63
N LEU A 250 -7.36 -35.66 10.38
CA LEU A 250 -8.35 -35.76 9.26
C LEU A 250 -8.92 -37.20 9.06
N PHE A 251 -8.13 -38.22 9.41
CA PHE A 251 -8.50 -39.65 9.08
C PHE A 251 -8.90 -40.51 10.34
N SER A 252 -8.89 -39.91 11.54
CA SER A 252 -9.19 -40.69 12.81
C SER A 252 -10.68 -41.07 12.89
N PRO B 5 -0.53 7.41 18.20
CA PRO B 5 -0.10 7.77 16.82
C PRO B 5 1.15 6.99 16.31
N GLU B 6 2.04 6.59 17.25
CA GLU B 6 3.24 5.81 16.90
C GLU B 6 2.98 4.26 16.96
N ALA B 7 1.70 3.85 17.23
CA ALA B 7 1.39 2.46 17.60
C ALA B 7 1.63 1.47 16.41
N PRO B 8 2.06 0.23 16.72
CA PRO B 8 2.29 -0.76 15.69
C PRO B 8 0.96 -1.40 15.16
N TYR B 9 1.03 -2.01 13.97
CA TYR B 9 -0.15 -2.73 13.33
C TYR B 9 -1.39 -1.80 13.20
N ALA B 10 -1.15 -0.58 12.75
CA ALA B 10 -2.24 0.42 12.61
C ALA B 10 -3.41 -0.15 11.78
N SER B 11 -4.61 -0.08 12.34
CA SER B 11 -5.79 -0.57 11.68
C SER B 11 -6.19 0.33 10.51
N LEU B 12 -7.09 -0.17 9.68
CA LEU B 12 -7.70 0.61 8.65
C LEU B 12 -8.47 1.85 9.24
N THR B 13 -9.12 1.65 10.39
CA THR B 13 -9.81 2.77 11.12
C THR B 13 -8.80 3.89 11.52
N GLU B 14 -7.70 3.49 12.16
CA GLU B 14 -6.63 4.47 12.60
C GLU B 14 -6.03 5.20 11.40
N ILE B 15 -5.74 4.46 10.35
CA ILE B 15 -5.12 5.05 9.15
C ILE B 15 -6.04 6.06 8.45
N GLU B 16 -7.31 5.73 8.31
CA GLU B 16 -8.25 6.64 7.64
C GLU B 16 -8.60 7.84 8.52
N HIS B 17 -8.56 7.64 9.86
CA HIS B 17 -8.70 8.78 10.82
C HIS B 17 -7.45 9.69 10.83
N LEU B 18 -6.26 9.11 10.58
CA LEU B 18 -5.02 9.90 10.40
C LEU B 18 -5.11 10.77 9.15
N VAL B 19 -5.59 10.20 8.03
CA VAL B 19 -5.76 10.97 6.75
C VAL B 19 -6.68 12.16 6.98
N GLN B 20 -7.83 11.90 7.63
CA GLN B 20 -8.81 12.95 7.90
C GLN B 20 -8.28 14.03 8.86
N SER B 21 -7.57 13.59 9.91
CA SER B 21 -7.00 14.51 10.88
C SER B 21 -5.89 15.45 10.25
N VAL B 22 -4.94 14.83 9.53
CA VAL B 22 -3.88 15.58 8.86
C VAL B 22 -4.46 16.56 7.79
N SER B 23 -5.45 16.09 7.02
CA SER B 23 -6.06 16.94 5.97
C SER B 23 -6.79 18.14 6.57
N LYS B 24 -7.47 17.93 7.68
CA LYS B 24 -8.14 19.02 8.38
C LYS B 24 -7.12 20.04 8.94
N SER B 25 -6.05 19.54 9.60
CA SER B 25 -5.00 20.41 10.15
C SER B 25 -4.33 21.23 9.09
N TYR B 26 -4.06 20.59 7.94
CA TYR B 26 -3.53 21.30 6.76
C TYR B 26 -4.48 22.44 6.31
N ARG B 27 -5.72 22.08 6.00
CA ARG B 27 -6.74 23.06 5.53
C ARG B 27 -6.87 24.27 6.48
N GLU B 28 -6.84 24.00 7.77
CA GLU B 28 -7.09 25.03 8.78
C GLU B 28 -5.81 25.82 9.22
N THR B 29 -4.64 25.47 8.65
CA THR B 29 -3.43 26.25 8.88
C THR B 29 -2.83 26.84 7.56
N CYS B 30 -3.65 26.89 6.51
CA CYS B 30 -3.21 27.57 5.26
C CYS B 30 -3.46 29.05 5.37
N GLN B 31 -2.47 29.85 4.94
CA GLN B 31 -2.60 31.36 4.93
C GLN B 31 -3.86 31.78 4.22
N LEU B 32 -4.11 31.17 3.06
CA LEU B 32 -5.32 31.39 2.30
C LEU B 32 -5.88 30.05 1.85
N ARG B 33 -7.21 29.96 1.74
CA ARG B 33 -7.84 28.75 1.20
C ARG B 33 -7.51 28.61 -0.27
N LEU B 34 -7.38 27.38 -0.74
CA LEU B 34 -7.08 27.11 -2.15
C LEU B 34 -8.09 27.82 -3.08
N GLU B 35 -9.38 27.80 -2.70
CA GLU B 35 -10.46 28.50 -3.49
C GLU B 35 -10.21 30.05 -3.62
N ASP B 36 -9.63 30.65 -2.58
CA ASP B 36 -9.30 32.10 -2.59
C ASP B 36 -8.19 32.39 -3.60
N LEU B 37 -7.12 31.58 -3.55
CA LEU B 37 -5.99 31.74 -4.48
C LEU B 37 -6.39 31.52 -5.95
N LEU B 38 -7.21 30.48 -6.20
CA LEU B 38 -7.66 30.15 -7.57
C LEU B 38 -8.55 31.27 -8.20
N ARG B 39 -9.51 31.79 -7.40
CA ARG B 39 -10.43 32.86 -7.90
C ARG B 39 -9.68 34.21 -8.21
N GLN B 40 -8.51 34.41 -7.58
CA GLN B 40 -7.72 35.63 -7.75
C GLN B 40 -6.68 35.54 -8.93
N ARG B 41 -6.65 34.40 -9.64
CA ARG B 41 -5.69 34.19 -10.78
C ARG B 41 -5.82 35.26 -11.92
N SER B 42 -7.04 35.78 -12.11
CA SER B 42 -7.30 36.86 -13.12
C SER B 42 -6.84 38.27 -12.60
N ASN B 43 -6.61 38.39 -11.29
CA ASN B 43 -6.18 39.62 -10.68
C ASN B 43 -4.64 39.74 -10.72
N ILE B 44 -4.14 40.37 -11.80
CA ILE B 44 -2.69 40.35 -12.14
C ILE B 44 -2.14 41.78 -12.10
N PHE B 45 -0.91 41.93 -11.60
CA PHE B 45 -0.26 43.25 -11.48
C PHE B 45 -0.06 43.88 -12.87
N SER B 46 -0.46 45.15 -13.01
CA SER B 46 -0.20 45.93 -14.24
C SER B 46 1.27 46.19 -14.40
N ARG B 47 1.68 46.57 -15.61
CA ARG B 47 3.10 46.91 -15.89
C ARG B 47 3.56 48.15 -15.01
N GLU B 48 2.60 49.04 -14.66
CA GLU B 48 2.88 50.19 -13.75
C GLU B 48 3.16 49.72 -12.32
N GLU B 49 2.34 48.78 -11.85
CA GLU B 49 2.52 48.21 -10.49
C GLU B 49 3.84 47.38 -10.41
N VAL B 50 4.16 46.63 -11.50
CA VAL B 50 5.42 45.86 -11.56
C VAL B 50 6.64 46.80 -11.52
N THR B 51 6.61 47.86 -12.34
CA THR B 51 7.72 48.86 -12.35
C THR B 51 7.86 49.57 -10.98
N GLY B 52 6.71 49.81 -10.30
CA GLY B 52 6.70 50.35 -8.93
C GLY B 52 7.42 49.43 -7.93
N TYR B 53 7.14 48.11 -8.01
CA TYR B 53 7.88 47.11 -7.18
C TYR B 53 9.37 47.08 -7.51
N GLN B 54 9.68 47.09 -8.80
CA GLN B 54 11.10 47.05 -9.26
C GLN B 54 11.91 48.32 -8.82
N ARG B 55 11.21 49.44 -8.62
CA ARG B 55 11.86 50.72 -8.18
C ARG B 55 11.93 50.87 -6.64
N LYS B 56 11.30 49.92 -5.89
CA LYS B 56 11.52 49.82 -4.44
C LYS B 56 12.96 49.44 -4.15
N SER B 57 13.45 49.83 -2.98
CA SER B 57 14.78 49.48 -2.56
C SER B 57 14.86 47.99 -2.28
N MET B 58 16.06 47.45 -2.38
CA MET B 58 16.34 46.07 -1.95
C MET B 58 15.77 45.80 -0.55
N TRP B 59 15.97 46.75 0.35
CA TRP B 59 15.64 46.54 1.77
C TRP B 59 14.14 46.62 2.05
N GLU B 60 13.38 47.41 1.25
CA GLU B 60 11.93 47.45 1.38
C GLU B 60 11.31 46.14 0.90
N MET B 61 11.79 45.63 -0.25
CA MET B 61 11.33 44.32 -0.78
C MET B 61 11.69 43.19 0.17
N TRP B 62 12.90 43.27 0.77
CA TRP B 62 13.32 42.31 1.79
C TRP B 62 12.35 42.30 2.98
N GLU B 63 12.06 43.50 3.52
CA GLU B 63 11.11 43.61 4.69
C GLU B 63 9.73 42.99 4.38
N ARG B 64 9.21 43.27 3.17
CA ARG B 64 7.91 42.74 2.74
C ARG B 64 7.93 41.23 2.65
N CYS B 65 8.93 40.70 1.97
CA CYS B 65 9.07 39.25 1.79
C CYS B 65 9.30 38.53 3.10
N ALA B 66 10.15 39.10 3.94
CA ALA B 66 10.48 38.50 5.25
C ALA B 66 9.27 38.40 6.15
N HIS B 67 8.45 39.47 6.15
N HIS B 67 8.41 39.42 6.15
CA HIS B 67 7.20 39.51 6.91
CA HIS B 67 7.21 39.39 7.03
C HIS B 67 6.28 38.37 6.50
C HIS B 67 6.17 38.37 6.54
N HIS B 68 6.04 38.24 5.19
N HIS B 68 6.06 38.21 5.23
CA HIS B 68 5.21 37.18 4.67
CA HIS B 68 5.20 37.18 4.67
C HIS B 68 5.76 35.79 5.05
C HIS B 68 5.74 35.77 4.98
N LEU B 69 7.07 35.60 4.88
CA LEU B 69 7.72 34.29 5.16
C LEU B 69 7.66 33.92 6.66
N THR B 70 7.77 34.93 7.54
CA THR B 70 7.63 34.74 8.99
C THR B 70 6.22 34.23 9.33
N GLU B 71 5.22 34.87 8.74
CA GLU B 71 3.81 34.43 8.90
C GLU B 71 3.60 32.99 8.35
N ALA B 72 4.12 32.72 7.13
CA ALA B 72 4.03 31.36 6.52
C ALA B 72 4.65 30.29 7.43
N ILE B 73 5.84 30.58 7.98
CA ILE B 73 6.50 29.66 8.91
C ILE B 73 5.63 29.42 10.14
N GLN B 74 5.07 30.48 10.70
CA GLN B 74 4.29 30.38 11.93
C GLN B 74 3.07 29.47 11.75
N TYR B 75 2.43 29.54 10.57
CA TYR B 75 1.33 28.61 10.23
C TYR B 75 1.80 27.15 10.05
N VAL B 76 3.00 26.96 9.53
CA VAL B 76 3.55 25.60 9.41
C VAL B 76 3.83 25.01 10.82
N VAL B 77 4.30 25.85 11.74
CA VAL B 77 4.53 25.42 13.10
C VAL B 77 3.20 25.01 13.78
N GLU B 78 2.13 25.79 13.51
CA GLU B 78 0.75 25.43 13.96
C GLU B 78 0.32 24.05 13.40
N PHE B 79 0.54 23.86 12.09
CA PHE B 79 0.26 22.59 11.41
C PHE B 79 1.02 21.42 12.06
N ALA B 80 2.31 21.65 12.33
CA ALA B 80 3.15 20.64 12.97
C ALA B 80 2.61 20.25 14.38
N LYS B 81 2.23 21.27 15.17
CA LYS B 81 1.71 21.03 16.54
C LYS B 81 0.34 20.31 16.54
N ARG B 82 -0.37 20.37 15.42
CA ARG B 82 -1.65 19.63 15.25
C ARG B 82 -1.47 18.15 14.74
N LEU B 83 -0.21 17.77 14.36
CA LEU B 83 0.09 16.38 13.95
C LEU B 83 0.27 15.52 15.19
N SER B 84 -0.51 14.43 15.26
CA SER B 84 -0.53 13.58 16.46
C SER B 84 0.86 12.98 16.72
N GLY B 85 1.33 13.13 17.95
CA GLY B 85 2.65 12.70 18.34
C GLY B 85 3.69 13.83 18.38
N PHE B 86 3.50 14.91 17.56
CA PHE B 86 4.54 15.98 17.43
C PHE B 86 4.80 16.71 18.76
N MET B 87 3.72 17.09 19.45
CA MET B 87 3.85 17.84 20.72
C MET B 87 4.35 16.94 21.92
N GLU B 88 4.26 15.60 21.75
CA GLU B 88 4.80 14.65 22.75
C GLU B 88 6.33 14.46 22.57
N LEU B 89 6.86 14.89 21.41
CA LEU B 89 8.34 14.90 21.19
C LEU B 89 8.99 15.93 22.06
N SER B 90 10.26 15.73 22.37
CA SER B 90 11.03 16.68 23.17
C SER B 90 11.14 17.99 22.42
N GLN B 91 11.35 19.08 23.14
CA GLN B 91 11.53 20.38 22.48
C GLN B 91 12.71 20.33 21.51
N ASN B 92 13.83 19.69 21.93
CA ASN B 92 15.00 19.47 21.01
C ASN B 92 14.57 18.88 19.69
N ASP B 93 13.77 17.83 19.75
CA ASP B 93 13.33 17.11 18.54
C ASP B 93 12.33 17.90 17.73
N GLN B 94 11.41 18.58 18.40
CA GLN B 94 10.48 19.50 17.69
C GLN B 94 11.25 20.55 16.89
N ILE B 95 12.32 21.09 17.50
CA ILE B 95 13.11 22.13 16.88
C ILE B 95 13.98 21.58 15.75
N VAL B 96 14.54 20.37 15.95
CA VAL B 96 15.31 19.69 14.87
C VAL B 96 14.41 19.50 13.62
N LEU B 97 13.18 19.03 13.83
CA LEU B 97 12.24 18.81 12.73
C LEU B 97 11.81 20.13 12.06
N LEU B 98 11.60 21.18 12.86
CA LEU B 98 11.10 22.45 12.32
C LEU B 98 12.22 23.29 11.65
N LYS B 99 13.42 23.30 12.22
CA LYS B 99 14.48 24.24 11.76
C LYS B 99 14.89 24.03 10.28
N ALA B 100 14.79 22.80 9.81
CA ALA B 100 14.87 22.49 8.37
C ALA B 100 13.49 22.44 7.77
N GLY B 101 12.64 21.54 8.32
CA GLY B 101 11.40 21.12 7.66
C GLY B 101 10.37 22.23 7.47
N ALA B 102 10.35 23.21 8.36
CA ALA B 102 9.27 24.28 8.33
C ALA B 102 9.34 25.06 7.05
N MET B 103 10.56 25.47 6.65
CA MET B 103 10.72 26.19 5.37
C MET B 103 10.53 25.27 4.17
N GLU B 104 10.92 23.96 4.30
CA GLU B 104 10.61 22.97 3.23
C GLU B 104 9.09 22.87 2.99
N VAL B 105 8.32 22.91 4.05
CA VAL B 105 6.83 22.88 3.93
C VAL B 105 6.30 24.18 3.35
N VAL B 106 6.87 25.32 3.76
CA VAL B 106 6.50 26.61 3.18
C VAL B 106 6.74 26.58 1.64
N LEU B 107 7.90 26.00 1.22
CA LEU B 107 8.26 25.89 -0.19
C LEU B 107 7.29 24.98 -1.00
N VAL B 108 6.84 23.88 -0.37
CA VAL B 108 5.84 23.01 -0.99
C VAL B 108 4.51 23.73 -1.07
N ARG B 109 4.11 24.40 0.03
CA ARG B 109 2.81 25.16 0.08
C ARG B 109 2.75 26.28 -0.97
N MET B 110 3.93 26.83 -1.35
CA MET B 110 4.01 27.91 -2.36
C MET B 110 3.37 27.49 -3.69
N CYS B 111 3.38 26.18 -4.01
CA CYS B 111 2.79 25.69 -5.30
C CYS B 111 1.25 26.00 -5.45
N ARG B 112 0.53 26.11 -4.31
N ARG B 112 0.54 26.11 -4.32
CA ARG B 112 -0.90 26.56 -4.31
CA ARG B 112 -0.89 26.52 -4.33
C ARG B 112 -1.03 27.99 -4.83
C ARG B 112 -1.08 28.01 -4.75
N ALA B 113 -0.05 28.85 -4.50
CA ALA B 113 -0.06 30.26 -4.90
C ALA B 113 0.70 30.50 -6.26
N TYR B 114 1.12 29.39 -6.90
CA TYR B 114 1.80 29.45 -8.19
C TYR B 114 0.82 29.04 -9.29
N ASN B 115 0.63 29.91 -10.27
CA ASN B 115 -0.24 29.65 -11.42
C ASN B 115 0.61 29.22 -12.62
N ALA B 116 0.56 27.92 -12.95
CA ALA B 116 1.49 27.34 -13.99
C ALA B 116 1.11 27.79 -15.42
N ASP B 117 -0.16 28.20 -15.62
CA ASP B 117 -0.63 28.70 -16.95
C ASP B 117 0.22 29.87 -17.46
N ASN B 118 0.47 30.84 -16.58
CA ASN B 118 1.22 32.09 -16.96
C ASN B 118 2.49 32.34 -16.11
N ARG B 119 2.88 31.33 -15.29
CA ARG B 119 4.10 31.41 -14.44
C ARG B 119 4.10 32.67 -13.53
N THR B 120 2.97 32.95 -12.90
CA THR B 120 2.87 34.03 -11.90
C THR B 120 2.63 33.47 -10.52
N VAL B 121 2.91 34.29 -9.52
CA VAL B 121 2.69 33.92 -8.12
C VAL B 121 1.88 34.98 -7.40
N PHE B 122 1.10 34.56 -6.42
CA PHE B 122 0.33 35.50 -5.59
C PHE B 122 1.26 36.20 -4.60
N PHE B 123 1.20 37.53 -4.58
CA PHE B 123 2.03 38.34 -3.72
C PHE B 123 1.32 39.66 -3.41
N GLU B 124 0.99 39.88 -2.12
CA GLU B 124 0.35 41.13 -1.66
C GLU B 124 -0.95 41.52 -2.51
N GLY B 125 -1.81 40.54 -2.73
CA GLY B 125 -3.17 40.79 -3.26
C GLY B 125 -3.37 40.50 -4.76
N LYS B 126 -2.26 40.35 -5.52
CA LYS B 126 -2.35 40.04 -6.99
C LYS B 126 -1.28 39.06 -7.41
N TYR B 127 -1.39 38.59 -8.65
CA TYR B 127 -0.39 37.69 -9.24
C TYR B 127 0.63 38.47 -10.07
N GLY B 128 1.89 38.06 -9.98
CA GLY B 128 2.97 38.66 -10.77
C GLY B 128 4.09 37.67 -11.07
N GLY B 129 4.86 37.94 -12.11
CA GLY B 129 6.03 37.10 -12.48
C GLY B 129 7.23 37.36 -11.58
N MET B 130 8.32 36.65 -11.84
CA MET B 130 9.52 36.78 -11.00
C MET B 130 10.24 38.14 -11.17
N GLU B 131 9.99 38.83 -12.31
CA GLU B 131 10.47 40.22 -12.52
C GLU B 131 9.91 41.23 -11.44
N LEU B 132 8.78 40.86 -10.81
CA LEU B 132 8.25 41.63 -9.62
C LEU B 132 9.32 41.79 -8.48
N PHE B 133 10.22 40.78 -8.34
CA PHE B 133 11.19 40.71 -7.20
C PHE B 133 12.63 41.13 -7.62
N ARG B 134 12.73 41.94 -8.69
CA ARG B 134 14.06 42.30 -9.30
C ARG B 134 14.99 43.06 -8.29
N ALA B 135 14.38 43.91 -7.44
CA ALA B 135 15.13 44.72 -6.44
C ALA B 135 15.92 43.86 -5.41
N LEU B 136 15.43 42.62 -5.15
CA LEU B 136 16.10 41.72 -4.19
C LEU B 136 17.47 41.22 -4.67
N GLY B 137 17.67 41.18 -6.00
CA GLY B 137 18.96 40.70 -6.58
C GLY B 137 19.31 39.23 -6.21
N CYS B 138 18.27 38.36 -6.08
CA CYS B 138 18.49 36.87 -6.00
C CYS B 138 17.75 36.19 -7.15
N SER B 139 18.13 36.55 -8.36
CA SER B 139 17.42 36.07 -9.56
C SER B 139 17.50 34.54 -9.70
N GLU B 140 18.68 33.97 -9.41
CA GLU B 140 18.87 32.49 -9.53
C GLU B 140 18.07 31.72 -8.47
N LEU B 141 18.14 32.21 -7.23
CA LEU B 141 17.39 31.57 -6.10
C LEU B 141 15.87 31.63 -6.33
N ILE B 142 15.37 32.82 -6.70
CA ILE B 142 13.93 32.99 -6.98
C ILE B 142 13.49 32.17 -8.20
N SER B 143 14.36 32.10 -9.22
CA SER B 143 14.11 31.25 -10.38
C SER B 143 13.98 29.75 -9.96
N SER B 144 14.83 29.30 -9.03
CA SER B 144 14.76 27.90 -8.52
C SER B 144 13.47 27.63 -7.71
N ILE B 145 12.99 28.66 -6.99
CA ILE B 145 11.72 28.56 -6.24
C ILE B 145 10.54 28.45 -7.18
N PHE B 146 10.53 29.28 -8.24
CA PHE B 146 9.51 29.19 -9.28
C PHE B 146 9.52 27.81 -9.97
N ASP B 147 10.73 27.35 -10.36
CA ASP B 147 10.89 26.01 -11.04
C ASP B 147 10.35 24.88 -10.18
N PHE B 148 10.63 24.94 -8.88
CA PHE B 148 10.18 23.92 -7.93
C PHE B 148 8.66 23.92 -7.81
N SER B 149 8.07 25.10 -7.65
CA SER B 149 6.60 25.24 -7.62
C SER B 149 5.96 24.77 -8.91
N HIS B 150 6.63 25.05 -10.06
CA HIS B 150 6.15 24.57 -11.37
C HIS B 150 6.15 23.02 -11.44
N SER B 151 7.19 22.38 -10.90
CA SER B 151 7.27 20.90 -10.89
C SER B 151 6.18 20.28 -9.99
N LEU B 152 5.86 20.97 -8.87
CA LEU B 152 4.82 20.49 -7.95
C LEU B 152 3.42 20.70 -8.50
N SER B 153 3.19 21.85 -9.16
CA SER B 153 1.88 22.14 -9.77
C SER B 153 1.51 21.12 -10.88
N ALA B 154 2.56 20.55 -11.54
CA ALA B 154 2.34 19.52 -12.59
C ALA B 154 1.72 18.19 -11.99
N LEU B 155 1.94 17.95 -10.67
CA LEU B 155 1.36 16.75 -9.98
C LEU B 155 -0.15 16.89 -9.73
N HIS B 156 -0.67 18.14 -9.73
CA HIS B 156 -2.13 18.41 -9.44
C HIS B 156 -2.60 17.76 -8.14
N PHE B 157 -1.89 18.06 -7.05
CA PHE B 157 -2.26 17.57 -5.70
C PHE B 157 -3.68 17.91 -5.35
N SER B 158 -4.39 16.95 -4.79
CA SER B 158 -5.59 17.22 -4.00
C SER B 158 -5.16 17.80 -2.63
N GLU B 159 -6.12 18.35 -1.88
CA GLU B 159 -5.85 18.87 -0.54
C GLU B 159 -5.36 17.75 0.40
N ASP B 160 -6.00 16.54 0.29
CA ASP B 160 -5.56 15.35 1.09
C ASP B 160 -4.12 14.98 0.77
N GLU B 161 -3.77 15.02 -0.52
CA GLU B 161 -2.42 14.61 -0.98
C GLU B 161 -1.34 15.57 -0.48
N ILE B 162 -1.55 16.88 -0.69
CA ILE B 162 -0.55 17.88 -0.26
C ILE B 162 -0.41 17.90 1.31
N ALA B 163 -1.52 17.65 2.03
CA ALA B 163 -1.49 17.56 3.53
C ALA B 163 -0.60 16.45 4.01
N LEU B 164 -0.82 15.27 3.47
CA LEU B 164 -0.02 14.09 3.85
C LEU B 164 1.45 14.23 3.40
N TYR B 165 1.64 14.72 2.17
CA TYR B 165 2.99 14.98 1.66
C TYR B 165 3.81 15.98 2.55
N THR B 166 3.15 17.07 3.00
CA THR B 166 3.84 18.08 3.86
C THR B 166 4.01 17.57 5.27
N ALA B 167 3.05 16.72 5.74
CA ALA B 167 3.22 16.04 7.07
C ALA B 167 4.49 15.18 7.04
N LEU B 168 4.71 14.47 5.95
CA LEU B 168 5.93 13.62 5.78
C LEU B 168 7.22 14.43 5.56
N VAL B 169 7.10 15.64 4.96
CA VAL B 169 8.24 16.58 4.92
C VAL B 169 8.72 16.91 6.36
N LEU B 170 7.75 17.15 7.28
CA LEU B 170 8.07 17.49 8.70
C LEU B 170 8.48 16.29 9.51
N ILE B 171 7.65 15.22 9.47
CA ILE B 171 7.84 14.07 10.29
C ILE B 171 8.80 13.10 9.56
N ASN B 172 10.08 13.46 9.60
CA ASN B 172 11.13 12.81 8.82
C ASN B 172 12.25 12.44 9.77
N ALA B 173 12.44 11.15 9.99
CA ALA B 173 13.41 10.66 10.99
C ALA B 173 14.88 10.82 10.48
N HIS B 174 15.03 11.26 9.20
CA HIS B 174 16.34 11.62 8.64
C HIS B 174 16.63 13.16 8.81
N ARG B 175 16.67 13.61 10.06
CA ARG B 175 17.14 14.90 10.36
C ARG B 175 18.27 14.78 11.32
N PRO B 176 19.40 15.55 11.07
CA PRO B 176 20.54 15.53 11.97
C PRO B 176 20.20 16.00 13.36
N GLY B 177 20.73 15.31 14.36
CA GLY B 177 20.60 15.75 15.75
C GLY B 177 19.38 15.20 16.49
N LEU B 178 18.63 14.31 15.84
CA LEU B 178 17.40 13.74 16.44
C LEU B 178 17.75 12.80 17.62
N GLN B 179 17.12 13.05 18.80
CA GLN B 179 17.42 12.25 20.03
C GLN B 179 16.50 11.03 20.17
N GLU B 180 15.20 11.23 19.89
CA GLU B 180 14.20 10.13 19.86
C GLU B 180 13.97 9.69 18.43
N LYS B 181 15.02 9.18 17.80
CA LYS B 181 14.97 8.82 16.37
C LYS B 181 13.93 7.72 16.10
N ARG B 182 13.90 6.71 16.99
CA ARG B 182 12.94 5.57 16.85
C ARG B 182 11.48 6.04 16.91
N LYS B 183 11.18 6.94 17.85
CA LYS B 183 9.81 7.48 17.99
C LYS B 183 9.34 8.22 16.70
N VAL B 184 10.25 9.01 16.10
CA VAL B 184 9.93 9.72 14.84
C VAL B 184 9.78 8.74 13.68
N GLU B 185 10.62 7.70 13.66
CA GLU B 185 10.49 6.63 12.64
C GLU B 185 9.10 5.98 12.66
N GLN B 186 8.55 5.77 13.86
CA GLN B 186 7.24 5.12 14.02
C GLN B 186 6.09 6.06 13.58
N LEU B 187 6.23 7.35 13.93
CA LEU B 187 5.26 8.38 13.46
C LEU B 187 5.28 8.51 11.94
N GLN B 188 6.48 8.55 11.39
CA GLN B 188 6.70 8.61 9.94
C GLN B 188 6.12 7.41 9.25
N TYR B 189 6.36 6.23 9.84
CA TYR B 189 5.84 4.96 9.26
C TYR B 189 4.34 5.02 9.06
N ASN B 190 3.63 5.42 10.10
CA ASN B 190 2.17 5.48 10.06
C ASN B 190 1.64 6.54 9.11
N LEU B 191 2.38 7.64 8.96
CA LEU B 191 2.05 8.65 7.97
C LEU B 191 2.28 8.16 6.55
N GLU B 192 3.38 7.42 6.32
CA GLU B 192 3.66 6.80 5.01
C GLU B 192 2.58 5.78 4.65
N LEU B 193 2.17 4.98 5.63
CA LEU B 193 1.10 3.99 5.44
C LEU B 193 -0.20 4.67 5.07
N ALA B 194 -0.49 5.81 5.74
CA ALA B 194 -1.70 6.58 5.45
C ALA B 194 -1.64 7.24 4.04
N PHE B 195 -0.47 7.75 3.69
CA PHE B 195 -0.24 8.37 2.37
C PHE B 195 -0.39 7.35 1.23
N HIS B 196 0.27 6.21 1.39
CA HIS B 196 0.16 5.10 0.41
C HIS B 196 -1.27 4.55 0.31
N HIS B 197 -1.95 4.42 1.45
CA HIS B 197 -3.35 3.92 1.49
C HIS B 197 -4.26 4.84 0.75
N HIS B 198 -4.12 6.16 1.03
CA HIS B 198 -4.97 7.16 0.42
C HIS B 198 -4.73 7.24 -1.10
N LEU B 199 -3.47 7.20 -1.51
CA LEU B 199 -3.12 7.19 -2.96
C LEU B 199 -3.69 5.95 -3.66
N CYS B 200 -3.54 4.78 -3.05
CA CYS B 200 -4.05 3.52 -3.65
C CYS B 200 -5.58 3.51 -3.74
N LYS B 201 -6.22 3.98 -2.66
CA LYS B 201 -7.69 4.09 -2.61
C LYS B 201 -8.28 5.02 -3.72
N THR B 202 -7.55 6.10 -4.03
CA THR B 202 -8.01 7.10 -5.01
C THR B 202 -7.37 6.90 -6.42
N HIS B 203 -6.64 5.78 -6.61
CA HIS B 203 -6.01 5.44 -7.92
C HIS B 203 -4.98 6.51 -8.37
N ARG B 204 -4.25 7.05 -7.39
CA ARG B 204 -3.29 8.11 -7.63
C ARG B 204 -1.86 7.64 -7.22
N GLN B 205 -1.65 6.32 -7.13
CA GLN B 205 -0.33 5.75 -6.71
C GLN B 205 0.80 6.06 -7.70
N SER B 206 0.44 6.36 -8.95
CA SER B 206 1.44 6.75 -9.98
C SER B 206 2.22 8.06 -9.61
N ILE B 207 1.64 8.94 -8.73
CA ILE B 207 2.34 10.20 -8.33
C ILE B 207 3.60 9.93 -7.45
N LEU B 208 3.67 8.74 -6.84
CA LEU B 208 4.83 8.38 -5.97
C LEU B 208 6.15 8.48 -6.73
N ALA B 209 6.17 7.99 -7.97
CA ALA B 209 7.38 8.06 -8.84
C ALA B 209 7.69 9.53 -9.32
N LYS B 210 6.66 10.40 -9.31
CA LYS B 210 6.77 11.78 -9.85
C LYS B 210 7.16 12.82 -8.79
N LEU B 211 7.17 12.41 -7.52
CA LEU B 211 7.51 13.34 -6.44
C LEU B 211 8.98 13.82 -6.57
N PRO B 212 9.26 15.08 -6.22
CA PRO B 212 10.65 15.56 -6.36
C PRO B 212 11.60 14.80 -5.45
N PRO B 213 12.81 14.48 -5.94
CA PRO B 213 13.70 13.77 -5.06
C PRO B 213 14.05 14.59 -3.82
N LYS B 214 14.13 13.92 -2.67
CA LYS B 214 14.37 14.58 -1.35
C LYS B 214 15.59 15.50 -1.33
N GLY B 215 16.66 15.08 -2.02
CA GLY B 215 17.89 15.86 -2.08
C GLY B 215 17.69 17.27 -2.62
N LYS B 216 16.78 17.40 -3.62
CA LYS B 216 16.54 18.67 -4.27
C LYS B 216 15.78 19.66 -3.33
N LEU B 217 14.77 19.15 -2.61
CA LEU B 217 14.01 20.00 -1.62
C LEU B 217 14.91 20.43 -0.49
N ARG B 218 15.73 19.48 0.01
CA ARG B 218 16.72 19.77 1.06
C ARG B 218 17.69 20.88 0.64
N SER B 219 18.22 20.75 -0.56
CA SER B 219 19.23 21.69 -1.07
C SER B 219 18.63 23.07 -1.37
N LEU B 220 17.42 23.09 -1.91
CA LEU B 220 16.72 24.33 -2.19
C LEU B 220 16.43 25.07 -0.89
N CYS B 221 15.91 24.34 0.10
CA CYS B 221 15.62 24.92 1.39
C CYS B 221 16.88 25.49 2.07
N SER B 222 17.99 24.73 2.01
CA SER B 222 19.25 25.14 2.63
C SER B 222 19.79 26.45 2.02
N GLN B 223 19.76 26.54 0.68
CA GLN B 223 20.15 27.77 -0.05
C GLN B 223 19.19 28.95 0.23
N HIS B 224 17.91 28.65 0.32
CA HIS B 224 16.89 29.65 0.66
C HIS B 224 17.13 30.24 2.09
N VAL B 225 17.19 29.37 3.08
CA VAL B 225 17.35 29.80 4.48
C VAL B 225 18.70 30.49 4.71
N GLU B 226 19.77 29.99 4.05
CA GLU B 226 21.09 30.69 4.11
C GLU B 226 20.95 32.15 3.64
N ARG B 227 20.25 32.35 2.51
CA ARG B 227 20.05 33.69 1.95
C ARG B 227 19.25 34.56 2.88
N LEU B 228 18.19 33.97 3.47
CA LEU B 228 17.33 34.71 4.41
C LEU B 228 18.09 35.14 5.64
N GLN B 229 18.98 34.26 6.14
CA GLN B 229 19.84 34.59 7.31
C GLN B 229 20.82 35.71 7.02
N ILE B 230 21.38 35.72 5.80
CA ILE B 230 22.29 36.83 5.36
C ILE B 230 21.53 38.16 5.29
N PHE B 231 20.35 38.15 4.63
CA PHE B 231 19.46 39.36 4.61
C PHE B 231 19.13 39.85 6.03
N GLN B 232 18.74 38.91 6.91
CA GLN B 232 18.39 39.25 8.31
C GLN B 232 19.56 39.88 9.08
N HIS B 233 20.75 39.34 8.87
CA HIS B 233 21.91 39.83 9.51
C HIS B 233 22.33 41.27 8.98
N LEU B 234 22.10 41.52 7.66
CA LEU B 234 22.41 42.85 7.03
C LEU B 234 21.32 43.93 7.29
N HIS B 235 20.07 43.48 7.45
CA HIS B 235 18.92 44.38 7.64
C HIS B 235 17.79 43.63 8.45
N PRO B 236 17.97 43.50 9.79
CA PRO B 236 17.06 42.64 10.58
C PRO B 236 15.63 43.14 10.63
N ILE B 237 14.67 42.26 10.36
CA ILE B 237 13.27 42.52 10.76
C ILE B 237 13.07 42.10 12.21
N VAL B 238 12.19 42.82 12.89
CA VAL B 238 11.85 42.51 14.25
C VAL B 238 10.65 41.62 14.24
N VAL B 239 10.85 40.40 14.71
CA VAL B 239 9.78 39.42 14.84
C VAL B 239 9.41 39.30 16.30
N GLN B 240 8.12 39.44 16.60
CA GLN B 240 7.62 39.04 17.92
C GLN B 240 7.43 37.52 17.91
N ALA B 241 8.45 36.81 18.40
CA ALA B 241 8.52 35.35 18.29
C ALA B 241 7.30 34.68 18.91
N ALA B 242 6.53 33.98 18.09
CA ALA B 242 5.44 33.12 18.58
C ALA B 242 5.99 31.80 19.25
N PHE B 243 7.22 31.39 18.86
CA PHE B 243 7.85 30.12 19.34
C PHE B 243 9.30 30.39 19.72
N PRO B 244 9.52 30.99 20.95
CA PRO B 244 10.84 31.57 21.29
C PRO B 244 12.04 30.59 21.16
N PRO B 245 11.88 29.29 21.57
CA PRO B 245 13.04 28.34 21.42
C PRO B 245 13.44 28.11 19.95
N LEU B 246 12.45 28.01 19.08
CA LEU B 246 12.67 27.85 17.65
C LEU B 246 13.28 29.11 17.07
N TYR B 247 12.64 30.25 17.37
CA TYR B 247 13.19 31.58 16.98
C TYR B 247 14.69 31.72 17.32
N LYS B 248 15.05 31.35 18.56
CA LYS B 248 16.46 31.50 19.05
C LYS B 248 17.45 30.67 18.20
N GLU B 249 17.01 29.47 17.77
CA GLU B 249 17.85 28.60 16.89
C GLU B 249 18.11 29.21 15.52
N LEU B 250 17.10 29.91 14.96
CA LEU B 250 17.19 30.44 13.55
C LEU B 250 17.78 31.87 13.47
N PHE B 251 17.56 32.67 14.53
CA PHE B 251 17.98 34.11 14.56
C PHE B 251 19.17 34.36 15.58
N SER B 252 19.81 33.24 16.05
CA SER B 252 20.99 33.32 17.02
C SER B 252 20.61 34.00 18.32
#